data_8AF1
#
_entry.id   8AF1
#
_cell.length_a   70.580
_cell.length_b   44.130
_cell.length_c   52.700
_cell.angle_alpha   90.000
_cell.angle_beta   90.000
_cell.angle_gamma   90.000
#
_symmetry.space_group_name_H-M   'P 21 21 2'
#
loop_
_entity.id
_entity.type
_entity.pdbx_description
1 polymer 'Peptidase M23'
2 non-polymer 'ZINC ION'
3 non-polymer 'CHLORIDE ION'
4 non-polymer GLYCEROL
5 non-polymer 'FORMIC ACID'
6 water water
#
_entity_poly.entity_id   1
_entity_poly.type   'polypeptide(L)'
_entity_poly.pdbx_seq_one_letter_code
;SPNGLLQFPFPRGARWHVGGAHTNTGSGNYPMSSLDMSLGGGWGSNQSGTWVSASAAGSFKRHSSCFAEVVHSGGWSTTY
YHLMNIQYNTGANVSMNTAIANPANTQAQALCNGGSSTGPHEHWSLKQNGSFYHLNGTYLSGYRITATGSSYDTNCSRFY
LTKNGQNYCYGYYTNPGPN
;
_entity_poly.pdbx_strand_id   A
#
# COMPACT_ATOMS: atom_id res chain seq x y z
N SER A 1 -10.29 -8.03 -0.54
CA SER A 1 -9.50 -8.91 -1.40
C SER A 1 -9.36 -10.29 -0.75
N PRO A 2 -9.86 -11.33 -1.40
CA PRO A 2 -9.82 -12.68 -0.81
C PRO A 2 -8.40 -13.18 -0.63
N ASN A 3 -8.26 -14.19 0.23
CA ASN A 3 -6.97 -14.78 0.53
C ASN A 3 -6.30 -15.31 -0.75
N GLY A 4 -5.10 -14.82 -1.01
CA GLY A 4 -4.30 -15.23 -2.15
C GLY A 4 -4.28 -14.25 -3.30
N LEU A 5 -5.15 -13.23 -3.29
CA LEU A 5 -5.25 -12.36 -4.46
C LEU A 5 -4.14 -11.33 -4.51
N LEU A 6 -3.75 -10.78 -3.35
CA LEU A 6 -2.82 -9.67 -3.29
C LEU A 6 -1.63 -10.01 -2.42
N GLN A 7 -0.46 -9.51 -2.80
CA GLN A 7 0.70 -9.48 -1.93
C GLN A 7 0.92 -8.06 -1.42
N PHE A 8 1.72 -7.95 -0.37
CA PHE A 8 2.17 -6.64 0.09
C PHE A 8 2.73 -5.86 -1.10
N PRO A 9 2.53 -4.52 -1.15
CA PRO A 9 3.01 -3.72 -2.27
C PRO A 9 4.47 -3.32 -2.14
N PHE A 10 5.30 -4.26 -1.76
CA PHE A 10 6.75 -4.07 -1.75
C PHE A 10 7.41 -5.39 -2.14
N PRO A 11 8.72 -5.45 -2.37
CA PRO A 11 9.27 -6.63 -3.05
C PRO A 11 9.09 -7.91 -2.26
N ARG A 12 8.73 -8.99 -2.97
CA ARG A 12 8.72 -10.31 -2.36
C ARG A 12 10.11 -10.59 -1.79
N GLY A 13 10.15 -11.08 -0.55
CA GLY A 13 11.40 -11.31 0.15
C GLY A 13 11.95 -10.13 0.91
N ALA A 14 11.45 -8.92 0.65
CA ALA A 14 11.92 -7.74 1.37
C ALA A 14 11.08 -7.52 2.63
N ARG A 15 11.62 -6.70 3.53
CA ARG A 15 11.04 -6.52 4.86
C ARG A 15 10.82 -5.02 5.08
N TRP A 16 9.57 -4.59 5.01
CA TRP A 16 9.21 -3.18 5.12
C TRP A 16 8.30 -2.97 6.32
N HIS A 17 8.19 -1.71 6.73
CA HIS A 17 7.32 -1.31 7.83
C HIS A 17 5.89 -1.08 7.34
N VAL A 18 4.93 -1.61 8.09
CA VAL A 18 3.50 -1.48 7.79
C VAL A 18 2.80 -0.82 8.98
N GLY A 19 2.16 0.33 8.75
CA GLY A 19 1.44 1.05 9.78
C GLY A 19 -0.01 0.63 9.92
N GLY A 20 -0.75 1.38 10.73
CA GLY A 20 -2.15 1.07 10.97
C GLY A 20 -3.05 1.48 9.82
N ALA A 21 -4.15 0.73 9.66
CA ALA A 21 -5.13 1.05 8.63
C ALA A 21 -5.72 2.44 8.87
N HIS A 22 -6.04 3.13 7.78
CA HIS A 22 -6.63 4.45 7.87
C HIS A 22 -7.49 4.70 6.63
N THR A 23 -8.34 5.72 6.71
CA THR A 23 -9.05 6.19 5.54
C THR A 23 -8.06 6.87 4.59
N ASN A 24 -8.51 7.10 3.36
CA ASN A 24 -7.62 7.68 2.36
C ASN A 24 -7.10 9.04 2.82
N THR A 25 -7.95 9.85 3.47
CA THR A 25 -7.53 11.16 3.92
C THR A 25 -6.88 11.16 5.29
N GLY A 26 -6.93 10.05 6.02
CA GLY A 26 -6.32 9.99 7.33
C GLY A 26 -7.20 10.45 8.46
N SER A 27 -8.46 10.82 8.19
CA SER A 27 -9.39 11.18 9.25
C SER A 27 -10.62 10.30 9.18
N GLY A 28 -11.21 10.04 10.34
CA GLY A 28 -12.39 9.20 10.40
C GLY A 28 -12.05 7.75 10.60
N ASN A 29 -13.10 6.93 10.66
CA ASN A 29 -12.90 5.50 10.88
C ASN A 29 -13.54 4.63 9.80
N TYR A 30 -13.98 5.21 8.67
CA TYR A 30 -14.60 4.37 7.64
C TYR A 30 -14.64 5.11 6.30
N PRO A 31 -14.32 4.42 5.17
CA PRO A 31 -13.73 3.07 5.06
C PRO A 31 -12.25 3.11 5.29
N MET A 32 -11.71 2.21 6.08
CA MET A 32 -10.28 2.24 6.36
C MET A 32 -9.59 1.42 5.28
N SER A 33 -9.29 2.10 4.17
CA SER A 33 -8.86 1.47 2.92
C SER A 33 -7.36 1.39 2.78
N SER A 34 -6.61 2.05 3.65
CA SER A 34 -5.25 2.47 3.32
C SER A 34 -4.26 2.07 4.39
N LEU A 35 -3.03 1.82 3.95
CA LEU A 35 -1.88 1.48 4.78
C LEU A 35 -0.65 2.24 4.28
N ASP A 36 0.19 2.69 5.19
CA ASP A 36 1.45 3.35 4.84
C ASP A 36 2.59 2.36 5.01
N MET A 37 3.50 2.34 4.07
CA MET A 37 4.52 1.29 4.02
C MET A 37 5.81 1.93 3.58
N SER A 38 6.93 1.55 4.22
CA SER A 38 8.21 2.15 3.88
C SER A 38 9.33 1.21 4.30
N LEU A 39 10.50 1.44 3.74
CA LEU A 39 11.69 0.67 4.10
C LEU A 39 12.57 1.43 5.08
N GLY A 40 12.86 2.69 4.80
CA GLY A 40 13.61 3.52 5.73
C GLY A 40 14.16 4.76 5.07
N GLY A 41 14.51 5.72 5.88
CA GLY A 41 15.11 6.97 5.44
C GLY A 41 14.11 8.11 5.45
N GLY A 42 14.59 9.31 5.80
CA GLY A 42 13.78 10.51 5.81
C GLY A 42 13.88 11.29 4.53
N TRP A 43 13.36 12.52 4.55
CA TRP A 43 13.43 13.39 3.37
C TRP A 43 14.88 13.57 2.95
N GLY A 44 15.14 13.45 1.66
CA GLY A 44 16.48 13.57 1.12
C GLY A 44 17.24 12.27 1.01
N SER A 45 16.80 11.23 1.69
CA SER A 45 17.47 9.94 1.64
C SER A 45 17.35 9.32 0.25
N ASN A 46 18.23 8.36 -0.03
CA ASN A 46 18.25 7.65 -1.31
C ASN A 46 17.16 6.59 -1.34
N GLN A 47 16.10 6.83 -2.10
CA GLN A 47 15.02 5.84 -2.25
C GLN A 47 15.09 5.11 -3.59
N SER A 48 16.14 5.33 -4.38
CA SER A 48 16.16 4.83 -5.75
C SER A 48 16.23 3.31 -5.82
N GLY A 49 16.63 2.64 -4.74
CA GLY A 49 16.61 1.20 -4.66
C GLY A 49 15.46 0.63 -3.86
N THR A 50 14.50 1.47 -3.45
CA THR A 50 13.36 1.08 -2.63
C THR A 50 12.15 0.98 -3.56
N TRP A 51 11.71 -0.24 -3.86
CA TRP A 51 10.79 -0.48 -4.98
C TRP A 51 9.38 -0.79 -4.47
N VAL A 52 8.51 0.23 -4.53
CA VAL A 52 7.07 -0.03 -4.47
C VAL A 52 6.72 -1.02 -5.55
N SER A 53 5.93 -2.03 -5.20
CA SER A 53 5.69 -3.18 -6.07
C SER A 53 4.20 -3.45 -6.21
N ALA A 54 3.81 -3.94 -7.37
CA ALA A 54 2.39 -4.20 -7.65
C ALA A 54 1.85 -5.31 -6.76
N SER A 55 0.70 -5.07 -6.13
CA SER A 55 0.12 -6.08 -5.25
C SER A 55 -0.37 -7.30 -6.03
N ALA A 56 -0.65 -7.14 -7.32
CA ALA A 56 -1.13 -8.22 -8.17
C ALA A 56 -0.99 -7.75 -9.60
N ALA A 57 -1.10 -8.69 -10.54
CA ALA A 57 -1.04 -8.31 -11.94
C ALA A 57 -2.25 -7.47 -12.30
N GLY A 58 -2.10 -6.65 -13.33
CA GLY A 58 -3.23 -5.86 -13.78
C GLY A 58 -2.80 -4.78 -14.75
N SER A 59 -3.71 -3.85 -14.98
CA SER A 59 -3.54 -2.78 -15.95
C SER A 59 -3.15 -1.50 -15.23
N PHE A 60 -2.09 -0.84 -15.72
CA PHE A 60 -1.52 0.31 -15.04
C PHE A 60 -2.28 1.59 -15.38
N LYS A 61 -2.44 2.45 -14.39
CA LYS A 61 -2.88 3.82 -14.61
C LYS A 61 -1.89 4.76 -13.94
N ARG A 62 -1.27 5.63 -14.72
CA ARG A 62 -0.36 6.66 -14.21
C ARG A 62 -1.18 7.93 -14.10
N HIS A 63 -1.70 8.19 -12.90
CA HIS A 63 -2.52 9.37 -12.69
C HIS A 63 -1.69 10.65 -12.70
N SER A 64 -0.47 10.57 -12.19
CA SER A 64 0.46 11.70 -12.13
C SER A 64 1.84 11.12 -11.87
N SER A 65 2.82 12.01 -11.70
CA SER A 65 4.16 11.52 -11.41
C SER A 65 4.28 10.95 -10.02
N CYS A 66 3.28 11.18 -9.15
CA CYS A 66 3.35 10.71 -7.77
C CYS A 66 2.22 9.75 -7.41
N PHE A 67 1.41 9.32 -8.38
CA PHE A 67 0.16 8.63 -8.06
C PHE A 67 -0.12 7.59 -9.14
N ALA A 68 -0.24 6.33 -8.75
CA ALA A 68 -0.50 5.27 -9.71
C ALA A 68 -1.58 4.34 -9.19
N GLU A 69 -2.14 3.56 -10.11
CA GLU A 69 -3.19 2.59 -9.81
C GLU A 69 -2.95 1.35 -10.67
N VAL A 70 -3.25 0.19 -10.13
CA VAL A 70 -3.24 -1.05 -10.91
C VAL A 70 -4.63 -1.65 -10.83
N VAL A 71 -5.26 -1.83 -11.99
CA VAL A 71 -6.59 -2.41 -12.07
C VAL A 71 -6.45 -3.93 -12.15
N HIS A 72 -7.01 -4.62 -11.17
CA HIS A 72 -6.95 -6.08 -11.08
C HIS A 72 -8.26 -6.70 -11.57
N SER A 73 -8.37 -8.01 -11.44
CA SER A 73 -9.61 -8.73 -11.72
C SER A 73 -10.66 -8.42 -10.67
N GLY A 74 -11.91 -8.82 -10.97
CA GLY A 74 -12.94 -8.81 -9.95
C GLY A 74 -13.37 -7.45 -9.45
N GLY A 75 -13.10 -6.38 -10.22
CA GLY A 75 -13.36 -5.02 -9.79
C GLY A 75 -12.39 -4.46 -8.78
N TRP A 76 -11.40 -5.25 -8.34
CA TRP A 76 -10.41 -4.75 -7.40
C TRP A 76 -9.40 -3.86 -8.11
N SER A 77 -8.95 -2.82 -7.43
CA SER A 77 -7.76 -2.10 -7.85
C SER A 77 -6.99 -1.69 -6.61
N THR A 78 -5.70 -1.47 -6.77
CA THR A 78 -4.88 -0.92 -5.70
C THR A 78 -4.27 0.38 -6.18
N THR A 79 -4.10 1.32 -5.25
CA THR A 79 -3.52 2.61 -5.58
C THR A 79 -2.32 2.87 -4.69
N TYR A 80 -1.43 3.70 -5.21
CA TYR A 80 -0.07 3.87 -4.71
C TYR A 80 0.22 5.36 -4.78
N TYR A 81 0.32 6.03 -3.64
CA TYR A 81 0.48 7.48 -3.61
C TYR A 81 1.76 7.86 -2.86
N HIS A 82 2.26 9.06 -3.16
CA HIS A 82 3.56 9.60 -2.70
C HIS A 82 4.74 8.97 -3.44
N LEU A 83 4.63 8.82 -4.76
CA LEU A 83 5.63 8.11 -5.54
C LEU A 83 6.58 9.06 -6.27
N MET A 84 7.72 8.50 -6.68
CA MET A 84 8.57 9.11 -7.69
C MET A 84 9.09 8.00 -8.59
N ASN A 85 9.68 8.40 -9.74
CA ASN A 85 10.33 7.43 -10.63
C ASN A 85 9.38 6.30 -11.04
N ILE A 86 8.13 6.66 -11.34
CA ILE A 86 7.16 5.66 -11.79
C ILE A 86 7.66 5.00 -13.07
N GLN A 87 7.57 3.67 -13.10
CA GLN A 87 8.24 2.87 -14.13
C GLN A 87 7.36 2.53 -15.33
N TYR A 88 6.07 2.85 -15.29
CA TYR A 88 5.14 2.45 -16.35
C TYR A 88 4.23 3.62 -16.65
N ASN A 89 3.64 3.58 -17.84
CA ASN A 89 2.61 4.53 -18.21
C ASN A 89 1.26 3.83 -18.24
N THR A 90 0.21 4.65 -18.35
CA THR A 90 -1.15 4.13 -18.42
C THR A 90 -1.28 3.11 -19.55
N GLY A 91 -1.98 2.02 -19.26
CA GLY A 91 -2.19 0.95 -20.21
C GLY A 91 -1.20 -0.18 -20.13
N ALA A 92 -0.09 -0.01 -19.41
CA ALA A 92 0.90 -1.08 -19.28
C ALA A 92 0.30 -2.28 -18.56
N ASN A 93 0.76 -3.46 -18.94
CA ASN A 93 0.49 -4.67 -18.18
C ASN A 93 1.61 -4.87 -17.18
N VAL A 94 1.26 -4.91 -15.91
CA VAL A 94 2.23 -5.20 -14.87
C VAL A 94 1.85 -6.53 -14.24
N SER A 95 2.81 -7.13 -13.54
CA SER A 95 2.63 -8.42 -12.90
C SER A 95 2.64 -8.25 -11.39
N MET A 96 2.12 -9.25 -10.67
CA MET A 96 2.47 -9.35 -9.25
C MET A 96 3.95 -9.16 -9.02
N ASN A 97 4.28 -8.31 -8.05
CA ASN A 97 5.66 -8.04 -7.61
C ASN A 97 6.42 -7.15 -8.59
N THR A 98 5.81 -6.68 -9.68
CA THR A 98 6.51 -5.75 -10.57
C THR A 98 6.91 -4.49 -9.80
N ALA A 99 8.17 -4.10 -9.93
CA ALA A 99 8.64 -2.84 -9.35
C ALA A 99 8.08 -1.67 -10.15
N ILE A 100 7.23 -0.86 -9.53
CA ILE A 100 6.53 0.19 -10.28
C ILE A 100 6.97 1.60 -9.95
N ALA A 101 7.65 1.84 -8.82
CA ALA A 101 8.02 3.20 -8.41
C ALA A 101 8.89 3.12 -7.16
N ASN A 102 9.49 4.25 -6.80
CA ASN A 102 10.14 4.47 -5.49
C ASN A 102 9.25 5.38 -4.65
N PRO A 103 9.32 5.31 -3.32
CA PRO A 103 8.71 6.36 -2.51
C PRO A 103 9.40 7.68 -2.80
N ALA A 104 8.59 8.73 -3.03
CA ALA A 104 9.15 10.05 -3.23
C ALA A 104 10.04 10.42 -2.05
N ASN A 105 11.24 10.91 -2.34
CA ASN A 105 12.19 11.26 -1.28
C ASN A 105 12.21 12.76 -0.99
N THR A 106 11.28 13.54 -1.57
CA THR A 106 11.10 14.94 -1.19
C THR A 106 9.62 15.18 -0.94
N GLN A 107 9.32 16.12 -0.04
CA GLN A 107 7.93 16.36 0.31
C GLN A 107 7.17 16.96 -0.87
N ALA A 108 7.79 17.87 -1.61
CA ALA A 108 7.11 18.49 -2.75
C ALA A 108 6.65 17.45 -3.76
N GLN A 109 7.50 16.45 -4.03
CA GLN A 109 7.12 15.38 -4.95
C GLN A 109 6.09 14.44 -4.32
N ALA A 110 6.28 14.09 -3.05
CA ALA A 110 5.33 13.21 -2.37
C ALA A 110 3.93 13.77 -2.38
N LEU A 111 3.78 15.09 -2.33
CA LEU A 111 2.48 15.74 -2.19
C LEU A 111 2.06 16.44 -3.47
N CYS A 112 2.45 15.88 -4.63
N CYS A 112 2.48 15.93 -4.63
CA CYS A 112 2.21 16.50 -5.93
CA CYS A 112 2.17 16.64 -5.87
C CYS A 112 0.73 16.63 -6.24
C CYS A 112 0.67 16.76 -6.11
N ASN A 113 -0.12 15.82 -5.59
CA ASN A 113 -1.57 15.89 -5.70
C ASN A 113 -2.23 16.20 -4.37
N GLY A 114 -1.49 16.80 -3.43
CA GLY A 114 -2.05 17.16 -2.15
C GLY A 114 -1.77 16.14 -1.06
N GLY A 115 -2.31 16.44 0.13
CA GLY A 115 -2.17 15.58 1.28
C GLY A 115 -1.06 16.06 2.21
N SER A 116 -0.66 15.16 3.10
CA SER A 116 0.40 15.45 4.05
C SER A 116 1.26 14.21 4.24
N SER A 117 2.51 14.44 4.63
CA SER A 117 3.42 13.33 4.89
C SER A 117 4.56 13.81 5.77
N THR A 118 4.95 12.94 6.71
CA THR A 118 6.10 13.19 7.56
C THR A 118 7.40 12.61 7.01
N GLY A 119 7.35 11.81 5.95
CA GLY A 119 8.55 11.25 5.38
C GLY A 119 8.26 10.25 4.27
N PRO A 120 9.31 9.79 3.60
CA PRO A 120 9.10 8.91 2.42
C PRO A 120 8.37 7.62 2.79
N HIS A 121 7.29 7.36 2.05
CA HIS A 121 6.53 6.13 2.20
C HIS A 121 5.54 6.05 1.05
N GLU A 122 4.98 4.86 0.84
CA GLU A 122 3.83 4.74 -0.04
C GLU A 122 2.57 4.73 0.79
N HIS A 123 1.58 5.48 0.34
CA HIS A 123 0.22 5.43 0.88
C HIS A 123 -0.54 4.50 -0.07
N TRP A 124 -0.78 3.27 0.38
CA TRP A 124 -1.39 2.23 -0.45
C TRP A 124 -2.85 2.10 -0.08
N SER A 125 -3.72 1.92 -1.09
CA SER A 125 -5.14 1.75 -0.82
C SER A 125 -5.75 0.65 -1.65
N LEU A 126 -6.77 0.00 -1.07
CA LEU A 126 -7.59 -1.01 -1.74
C LEU A 126 -8.90 -0.39 -2.19
N LYS A 127 -9.27 -0.65 -3.44
CA LYS A 127 -10.53 -0.20 -3.99
C LYS A 127 -11.29 -1.34 -4.65
N GLN A 128 -12.61 -1.19 -4.68
CA GLN A 128 -13.49 -2.14 -5.33
C GLN A 128 -14.51 -1.34 -6.11
N ASN A 129 -14.61 -1.61 -7.41
CA ASN A 129 -15.56 -0.92 -8.28
C ASN A 129 -15.31 0.60 -8.28
N GLY A 130 -14.06 1.01 -8.10
CA GLY A 130 -13.70 2.42 -8.09
C GLY A 130 -13.94 3.16 -6.79
N SER A 131 -14.32 2.48 -5.71
CA SER A 131 -14.56 3.11 -4.42
C SER A 131 -13.60 2.53 -3.40
N PHE A 132 -13.17 3.37 -2.45
CA PHE A 132 -12.31 2.88 -1.38
C PHE A 132 -13.03 1.79 -0.57
N TYR A 133 -12.32 0.70 -0.32
CA TYR A 133 -12.85 -0.48 0.33
C TYR A 133 -12.29 -0.59 1.75
N HIS A 134 -13.11 -1.04 2.68
CA HIS A 134 -12.68 -1.17 4.08
C HIS A 134 -11.85 -2.43 4.28
N LEU A 135 -10.64 -2.28 4.86
CA LEU A 135 -9.67 -3.38 4.89
C LEU A 135 -10.03 -4.47 5.90
N ASN A 136 -10.91 -4.20 6.86
CA ASN A 136 -11.26 -5.23 7.83
C ASN A 136 -11.82 -6.44 7.10
N GLY A 137 -11.22 -7.62 7.36
CA GLY A 137 -11.64 -8.85 6.73
C GLY A 137 -10.99 -9.14 5.38
N THR A 138 -10.17 -8.24 4.85
CA THR A 138 -9.48 -8.51 3.61
C THR A 138 -8.15 -9.19 3.90
N TYR A 139 -7.53 -9.72 2.85
CA TYR A 139 -6.27 -10.44 2.96
C TYR A 139 -5.16 -9.72 2.20
N LEU A 140 -3.96 -9.80 2.76
CA LEU A 140 -2.76 -9.26 2.13
C LEU A 140 -1.62 -10.22 2.43
N SER A 141 -1.03 -10.80 1.39
CA SER A 141 0.06 -11.78 1.53
C SER A 141 -0.35 -12.93 2.46
N GLY A 142 -1.62 -13.32 2.40
CA GLY A 142 -2.13 -14.40 3.19
C GLY A 142 -2.46 -14.04 4.62
N TYR A 143 -2.22 -12.81 5.05
CA TYR A 143 -2.66 -12.32 6.35
C TYR A 143 -4.05 -11.74 6.25
N ARG A 144 -4.91 -12.11 7.19
CA ARG A 144 -6.24 -11.49 7.31
C ARG A 144 -6.10 -10.21 8.12
N ILE A 145 -6.57 -9.07 7.58
CA ILE A 145 -6.47 -7.79 8.27
C ILE A 145 -7.67 -7.61 9.17
N THR A 146 -7.42 -7.27 10.44
CA THR A 146 -8.45 -6.74 11.32
C THR A 146 -8.20 -5.25 11.52
N ALA A 147 -9.23 -4.45 11.29
CA ALA A 147 -9.14 -3.00 11.47
C ALA A 147 -10.49 -2.55 11.99
N THR A 148 -10.57 -2.27 13.29
CA THR A 148 -11.83 -1.85 13.91
C THR A 148 -11.69 -0.54 14.68
N GLY A 149 -10.55 0.13 14.60
CA GLY A 149 -10.35 1.37 15.32
C GLY A 149 -10.51 2.59 14.43
N SER A 150 -9.91 3.70 14.87
CA SER A 150 -9.88 4.93 14.11
C SER A 150 -8.67 4.93 13.16
N SER A 151 -8.62 5.92 12.29
CA SER A 151 -7.50 6.03 11.36
C SER A 151 -6.17 6.01 12.08
N TYR A 152 -5.26 5.18 11.57
CA TYR A 152 -3.88 4.98 12.02
C TYR A 152 -3.77 4.23 13.33
N ASP A 153 -4.88 3.80 13.93
CA ASP A 153 -4.83 3.09 15.21
C ASP A 153 -3.92 1.87 15.10
N THR A 154 -2.98 1.76 16.04
CA THR A 154 -2.08 0.61 16.08
C THR A 154 -2.22 -0.21 17.35
N ASN A 155 -3.22 0.09 18.17
CA ASN A 155 -3.57 -0.78 19.29
C ASN A 155 -3.80 -2.18 18.77
N CYS A 156 -3.05 -3.15 19.31
CA CYS A 156 -3.00 -4.47 18.70
C CYS A 156 -4.23 -5.31 18.97
N SER A 157 -5.23 -4.78 19.68
CA SER A 157 -6.53 -5.43 19.77
C SER A 157 -7.51 -4.90 18.73
N ARG A 158 -7.15 -3.83 18.03
CA ARG A 158 -8.00 -3.23 17.01
C ARG A 158 -7.37 -3.13 15.64
N PHE A 159 -6.05 -3.29 15.53
CA PHE A 159 -5.38 -3.44 14.24
C PHE A 159 -4.36 -4.55 14.36
N TYR A 160 -4.51 -5.59 13.55
CA TYR A 160 -3.55 -6.68 13.54
C TYR A 160 -3.79 -7.52 12.30
N LEU A 161 -2.80 -8.32 11.98
CA LEU A 161 -2.83 -9.19 10.80
C LEU A 161 -2.73 -10.62 11.31
N THR A 162 -3.56 -11.51 10.78
CA THR A 162 -3.66 -12.88 11.31
C THR A 162 -3.28 -13.89 10.24
N LYS A 163 -2.41 -14.82 10.60
CA LYS A 163 -2.00 -15.86 9.67
C LYS A 163 -1.78 -17.14 10.46
N ASN A 164 -2.40 -18.22 10.01
CA ASN A 164 -2.31 -19.51 10.68
C ASN A 164 -2.65 -19.39 12.16
N GLY A 165 -3.67 -18.58 12.46
CA GLY A 165 -4.16 -18.43 13.81
C GLY A 165 -3.36 -17.52 14.72
N GLN A 166 -2.23 -16.98 14.27
CA GLN A 166 -1.41 -16.10 15.10
C GLN A 166 -1.65 -14.66 14.68
N ASN A 167 -1.81 -13.77 15.66
CA ASN A 167 -1.97 -12.35 15.39
C ASN A 167 -0.60 -11.65 15.37
N TYR A 168 -0.48 -10.64 14.51
CA TYR A 168 0.74 -9.86 14.39
C TYR A 168 0.37 -8.39 14.42
N CYS A 169 1.04 -7.61 15.26
CA CYS A 169 0.76 -6.19 15.36
C CYS A 169 1.40 -5.44 14.20
N TYR A 170 1.17 -4.14 14.15
CA TYR A 170 1.83 -3.31 13.15
C TYR A 170 3.34 -3.40 13.29
N GLY A 171 4.04 -3.06 12.22
CA GLY A 171 5.48 -3.11 12.23
C GLY A 171 6.08 -3.70 10.97
N TYR A 172 7.27 -4.28 11.09
CA TYR A 172 7.97 -4.83 9.94
C TYR A 172 7.43 -6.20 9.57
N TYR A 173 7.21 -6.39 8.27
CA TYR A 173 6.74 -7.62 7.69
C TYR A 173 7.64 -8.00 6.53
N THR A 174 8.06 -9.25 6.51
CA THR A 174 8.69 -9.82 5.33
C THR A 174 7.61 -10.32 4.38
N ASN A 175 7.68 -9.87 3.12
CA ASN A 175 6.69 -10.24 2.11
C ASN A 175 6.93 -11.65 1.57
N PRO A 176 6.04 -12.61 1.85
CA PRO A 176 6.21 -13.97 1.30
C PRO A 176 5.66 -14.17 -0.10
N GLY A 177 5.05 -13.14 -0.69
CA GLY A 177 4.25 -13.33 -1.87
C GLY A 177 2.79 -13.27 -1.49
N PRO A 178 1.91 -13.75 -2.38
CA PRO A 178 0.47 -13.61 -2.14
C PRO A 178 -0.09 -14.60 -1.13
N ASN A 179 0.67 -15.64 -0.77
CA ASN A 179 0.20 -16.65 0.17
C ASN A 179 1.10 -16.80 1.38
#